data_4XC3
#
_entry.id   4XC3
#
_cell.length_a   157.541
_cell.length_b   44.704
_cell.length_c   85.942
_cell.angle_alpha   90.00
_cell.angle_beta   113.22
_cell.angle_gamma   90.00
#
_symmetry.space_group_name_H-M   'C 1 2 1'
#
loop_
_entity.id
_entity.type
_entity.pdbx_description
1 polymer '4E10 Fab light chain'
2 polymer '4E10 Fab heavy chain'
3 polymer 'MODIFIED FRAGMENT OF HIV-1 GLYCOPROTEIN (GP41) INCLUDING THE MPER REGION 671-683'
4 non-polymer SN-GLYCEROL-1-PHOSPHATE
5 non-polymer 'UNKNOWN LIGAND'
6 water water
#
loop_
_entity_poly.entity_id
_entity_poly.type
_entity_poly.pdbx_seq_one_letter_code
_entity_poly.pdbx_strand_id
1 'polypeptide(L)'
;EIVLTQSPGTQSLSPGERATLSCRASQSVGNNKLAWYQQRPGQAPRLLIYGASSRPSGVADRFSGSGSGTDFTLTISRLE
PEDFAVYYCQQYGQSLSTFGQGTKVEVKRTVAAPSVFIFPPSDEQLKSGTASVVCLLNNFYPREAKVQWKVDNALQSGNS
QESVTEQDSKDSTYSLSSTLTLSKADYEKHKVYACEVTHQGLSSPVTKSFNRGEC
;
L
2 'polypeptide(L)'
;QVQLVQSGAEVKRPGSSVTVSCKASGGSFSTYALSWVRQAPGRGLEWMGGVIPLLTITNYAPRFQGRITITADRSTSTAY
LELNSLRPEDTAVYYCAREGTTGWGWLGKPIGAFAHWGQGTLVTVSSASTKGPSVFPLAPSSKSTSGGTAALGCLVKDYF
PEPVTVSWNSGALTSGVHTFPAVLQSSGLYSLSSVVTVPSSSLGTQTYICNVNHKPSNTKVDKKVEPKSC
;
H
3 'polypeptide(L)' NW(41H)DITNWLWYIKKKK P
#
loop_
_chem_comp.id
_chem_comp.type
_chem_comp.name
_chem_comp.formula
1GP non-polymer SN-GLYCEROL-1-PHOSPHATE 'C3 H9 O6 P'
UNL non-polymer 'UNKNOWN LIGAND' ?
#
# COMPACT_ATOMS: atom_id res chain seq x y z
N GLU A 1 3.31 -19.50 -18.84
CA GLU A 1 3.23 -18.19 -18.20
C GLU A 1 4.59 -17.52 -18.19
N ILE A 2 4.63 -16.25 -18.59
CA ILE A 2 5.89 -15.52 -18.57
C ILE A 2 6.09 -14.90 -17.19
N VAL A 3 7.16 -15.32 -16.53
CA VAL A 3 7.54 -14.75 -15.24
C VAL A 3 8.51 -13.59 -15.47
N LEU A 4 8.17 -12.44 -14.89
CA LEU A 4 9.01 -11.24 -14.97
C LEU A 4 9.73 -11.04 -13.67
N THR A 5 11.05 -10.93 -13.75
CA THR A 5 11.88 -10.76 -12.58
C THR A 5 12.46 -9.36 -12.50
N GLN A 6 12.07 -8.63 -11.46
CA GLN A 6 12.64 -7.33 -11.17
C GLN A 6 13.57 -7.44 -9.97
N SER A 7 14.87 -7.38 -10.23
CA SER A 7 15.87 -7.50 -9.18
C SER A 7 16.93 -6.40 -9.30
N PRO A 8 17.27 -5.72 -8.19
CA PRO A 8 16.73 -5.87 -6.84
C PRO A 8 15.32 -5.32 -6.69
N GLY A 9 14.64 -5.72 -5.62
CA GLY A 9 13.30 -5.25 -5.34
C GLY A 9 13.28 -3.86 -4.72
N THR A 10 14.45 -3.39 -4.27
CA THR A 10 14.60 -2.03 -3.75
C THR A 10 15.93 -1.44 -4.25
N GLN A 11 15.92 -0.16 -4.60
CA GLN A 11 17.17 0.52 -4.89
C GLN A 11 17.22 1.79 -4.06
N SER A 12 18.30 1.95 -3.31
CA SER A 12 18.52 3.17 -2.54
C SER A 12 19.44 4.09 -3.34
N LEU A 13 18.90 5.20 -3.81
CA LEU A 13 19.67 6.11 -4.65
C LEU A 13 19.57 7.56 -4.20
N SER A 14 20.57 8.37 -4.56
CA SER A 14 20.59 9.77 -4.15
C SER A 14 19.76 10.62 -5.09
N PRO A 15 19.14 11.68 -4.55
CA PRO A 15 18.49 12.68 -5.39
C PRO A 15 19.42 13.12 -6.54
N GLY A 16 18.91 13.16 -7.77
CA GLY A 16 19.69 13.59 -8.90
C GLY A 16 20.48 12.49 -9.60
N GLU A 17 20.58 11.32 -8.97
CA GLU A 17 21.34 10.20 -9.53
C GLU A 17 20.55 9.54 -10.66
N ARG A 18 21.27 8.88 -11.56
CA ARG A 18 20.68 8.04 -12.60
C ARG A 18 20.20 6.72 -12.01
N ALA A 19 19.07 6.22 -12.49
CA ALA A 19 18.57 4.92 -12.04
C ALA A 19 18.37 4.00 -13.23
N THR A 20 18.79 2.75 -13.09
CA THR A 20 18.49 1.75 -14.11
C THR A 20 17.82 0.56 -13.42
N LEU A 21 16.63 0.23 -13.90
CA LEU A 21 15.81 -0.84 -13.32
C LEU A 21 15.68 -1.96 -14.33
N SER A 22 16.02 -3.18 -13.91
CA SER A 22 15.99 -4.34 -14.79
CA SER A 22 15.97 -4.32 -14.81
C SER A 22 14.65 -5.08 -14.71
N CYS A 23 14.21 -5.61 -15.85
CA CYS A 23 13.05 -6.51 -15.89
C CYS A 23 13.43 -7.67 -16.82
N ARG A 24 13.62 -8.87 -16.27
CA ARG A 24 13.99 -10.04 -17.08
CA ARG A 24 13.97 -10.01 -17.12
C ARG A 24 12.82 -10.99 -17.22
N ALA A 25 12.52 -11.40 -18.45
CA ALA A 25 11.42 -12.32 -18.73
C ALA A 25 11.95 -13.75 -18.84
N SER A 26 11.14 -14.71 -18.39
CA SER A 26 11.52 -16.12 -18.42
C SER A 26 11.53 -16.68 -19.84
N GLN A 27 10.84 -16.00 -20.76
CA GLN A 27 10.89 -16.33 -22.17
C GLN A 27 10.69 -15.05 -22.97
N SER A 28 10.98 -15.10 -24.27
CA SER A 28 10.89 -13.93 -25.12
CA SER A 28 10.88 -13.94 -25.15
C SER A 28 9.50 -13.29 -25.07
N VAL A 29 9.48 -11.98 -24.90
CA VAL A 29 8.20 -11.26 -24.86
C VAL A 29 7.79 -10.85 -26.26
N GLY A 30 6.68 -11.40 -26.72
CA GLY A 30 6.21 -11.20 -28.08
C GLY A 30 6.03 -9.74 -28.46
N ASN A 31 6.58 -9.36 -29.60
CA ASN A 31 6.43 -8.01 -30.15
C ASN A 31 6.81 -6.90 -29.19
N ASN A 32 7.73 -7.18 -28.26
CA ASN A 32 8.19 -6.19 -27.30
C ASN A 32 7.05 -5.55 -26.52
N LYS A 33 6.01 -6.33 -26.28
CA LYS A 33 4.86 -5.85 -25.52
CA LYS A 33 4.87 -5.86 -25.51
C LYS A 33 5.20 -5.83 -24.02
N LEU A 34 5.96 -4.82 -23.63
CA LEU A 34 6.48 -4.68 -22.28
C LEU A 34 6.21 -3.25 -21.84
N ALA A 35 5.53 -3.08 -20.71
CA ALA A 35 5.20 -1.75 -20.20
C ALA A 35 5.80 -1.51 -18.83
N TRP A 36 6.00 -0.25 -18.48
CA TRP A 36 6.45 0.12 -17.14
C TRP A 36 5.43 1.05 -16.52
N TYR A 37 5.14 0.85 -15.24
CA TYR A 37 4.24 1.69 -14.47
C TYR A 37 4.91 2.25 -13.25
N GLN A 38 4.49 3.44 -12.84
CA GLN A 38 4.92 4.02 -11.58
C GLN A 38 3.73 3.99 -10.62
N GLN A 39 4.01 3.74 -9.33
CA GLN A 39 2.95 3.84 -8.34
C GLN A 39 3.48 4.43 -7.04
N ARG A 40 2.77 5.44 -6.54
CA ARG A 40 3.08 6.05 -5.24
C ARG A 40 2.03 5.59 -4.25
N PRO A 41 2.38 5.55 -2.95
CA PRO A 41 1.41 5.05 -1.96
C PRO A 41 0.08 5.81 -2.02
N GLY A 42 -1.02 5.08 -1.96
CA GLY A 42 -2.34 5.68 -1.99
C GLY A 42 -2.82 6.14 -3.36
N GLN A 43 -2.03 5.87 -4.39
CA GLN A 43 -2.40 6.25 -5.75
C GLN A 43 -2.53 5.05 -6.68
N ALA A 44 -3.32 5.20 -7.73
CA ALA A 44 -3.35 4.20 -8.80
C ALA A 44 -2.01 4.20 -9.56
N PRO A 45 -1.67 3.07 -10.17
CA PRO A 45 -0.50 3.03 -11.06
C PRO A 45 -0.66 3.99 -12.23
N ARG A 46 0.48 4.41 -12.79
CA ARG A 46 0.49 5.30 -13.93
CA ARG A 46 0.51 5.31 -13.92
C ARG A 46 1.43 4.76 -15.00
N LEU A 47 0.95 4.71 -16.24
CA LEU A 47 1.75 4.21 -17.35
C LEU A 47 2.88 5.16 -17.73
N LEU A 48 4.11 4.64 -17.75
CA LEU A 48 5.27 5.44 -18.15
C LEU A 48 5.78 5.09 -19.54
N ILE A 49 5.81 3.79 -19.84
CA ILE A 49 6.39 3.29 -21.07
C ILE A 49 5.52 2.15 -21.57
N TYR A 50 5.25 2.11 -22.87
CA TYR A 50 4.62 0.92 -23.46
C TYR A 50 5.43 0.47 -24.67
N GLY A 51 5.22 -0.78 -25.10
CA GLY A 51 5.99 -1.31 -26.23
C GLY A 51 7.49 -1.20 -26.04
N ALA A 52 7.93 -1.43 -24.80
CA ALA A 52 9.33 -1.43 -24.38
C ALA A 52 9.98 -0.05 -24.35
N SER A 53 9.63 0.82 -25.28
CA SER A 53 10.35 2.10 -25.40
C SER A 53 9.50 3.35 -25.71
N SER A 54 8.21 3.17 -25.94
CA SER A 54 7.34 4.30 -26.28
C SER A 54 6.84 5.00 -25.03
N ARG A 55 6.83 6.33 -25.09
CA ARG A 55 6.43 7.12 -23.93
CA ARG A 55 6.45 7.14 -23.94
C ARG A 55 5.18 7.93 -24.24
N PRO A 56 4.11 7.72 -23.44
CA PRO A 56 2.88 8.48 -23.63
C PRO A 56 3.14 9.98 -23.49
N SER A 57 2.33 10.80 -24.16
CA SER A 57 2.46 12.23 -23.98
C SER A 57 2.17 12.55 -22.53
N GLY A 58 2.92 13.51 -21.99
CA GLY A 58 2.70 13.90 -20.61
C GLY A 58 3.69 13.25 -19.67
N VAL A 59 4.22 12.10 -20.06
CA VAL A 59 5.26 11.46 -19.26
C VAL A 59 6.61 12.13 -19.48
N ALA A 60 7.30 12.44 -18.38
CA ALA A 60 8.57 13.15 -18.48
C ALA A 60 9.59 12.35 -19.28
N ASP A 61 10.35 13.05 -20.12
CA ASP A 61 11.30 12.34 -20.97
C ASP A 61 12.58 11.97 -20.23
N ARG A 62 12.64 12.19 -18.92
CA ARG A 62 13.74 11.60 -18.18
C ARG A 62 13.50 10.10 -17.95
N PHE A 63 12.30 9.62 -18.24
CA PHE A 63 12.01 8.18 -18.24
C PHE A 63 12.20 7.59 -19.63
N SER A 64 13.03 6.56 -19.77
CA SER A 64 13.17 5.89 -21.06
CA SER A 64 13.23 5.90 -21.05
C SER A 64 13.22 4.39 -20.87
N GLY A 65 12.59 3.68 -21.79
CA GLY A 65 12.59 2.24 -21.77
C GLY A 65 13.44 1.69 -22.91
N SER A 66 14.09 0.57 -22.67
CA SER A 66 14.89 -0.07 -23.69
C SER A 66 14.87 -1.58 -23.50
N GLY A 67 15.43 -2.29 -24.48
CA GLY A 67 15.51 -3.73 -24.40
C GLY A 67 14.59 -4.41 -25.38
N SER A 68 14.76 -5.72 -25.49
CA SER A 68 13.96 -6.57 -26.36
CA SER A 68 13.97 -6.56 -26.38
C SER A 68 14.14 -8.01 -25.93
N GLY A 69 13.26 -8.90 -26.40
CA GLY A 69 13.37 -10.31 -26.11
C GLY A 69 13.07 -10.64 -24.65
N THR A 70 14.12 -10.86 -23.86
CA THR A 70 13.93 -11.17 -22.44
C THR A 70 14.47 -10.10 -21.49
N ASP A 71 15.19 -9.12 -22.04
N ASP A 71 15.26 -9.17 -22.02
CA ASP A 71 16.00 -8.20 -21.26
CA ASP A 71 15.98 -8.21 -21.17
C ASP A 71 15.53 -6.76 -21.38
C ASP A 71 15.50 -6.79 -21.38
N PHE A 72 14.85 -6.23 -20.36
CA PHE A 72 14.30 -4.89 -20.46
C PHE A 72 14.80 -3.96 -19.35
N THR A 73 14.87 -2.68 -19.64
CA THR A 73 15.45 -1.72 -18.72
C THR A 73 14.64 -0.43 -18.71
N LEU A 74 14.32 0.05 -17.51
CA LEU A 74 13.78 1.38 -17.34
C LEU A 74 14.91 2.27 -16.85
N THR A 75 15.18 3.36 -17.55
CA THR A 75 16.23 4.28 -17.11
C THR A 75 15.59 5.59 -16.68
N ILE A 76 15.96 6.08 -15.51
CA ILE A 76 15.57 7.42 -15.10
C ILE A 76 16.84 8.25 -15.10
N SER A 77 16.92 9.21 -16.02
CA SER A 77 18.18 9.90 -16.27
C SER A 77 18.66 10.67 -15.05
N ARG A 78 17.72 11.21 -14.29
CA ARG A 78 18.05 12.02 -13.11
C ARG A 78 16.86 11.97 -12.17
N LEU A 79 17.08 11.46 -10.96
CA LEU A 79 15.97 11.30 -10.02
C LEU A 79 15.50 12.60 -9.42
N GLU A 80 14.27 12.99 -9.75
CA GLU A 80 13.61 14.11 -9.10
C GLU A 80 12.94 13.60 -7.83
N PRO A 81 12.59 14.51 -6.90
CA PRO A 81 11.99 14.06 -5.64
C PRO A 81 10.75 13.18 -5.82
N GLU A 82 9.96 13.47 -6.85
CA GLU A 82 8.73 12.72 -7.09
C GLU A 82 8.98 11.35 -7.74
N ASP A 83 10.23 11.07 -8.11
CA ASP A 83 10.56 9.83 -8.83
C ASP A 83 10.79 8.67 -7.87
N PHE A 84 10.92 8.99 -6.59
CA PHE A 84 11.07 7.95 -5.58
C PHE A 84 9.69 7.35 -5.33
N ALA A 85 9.54 6.11 -5.78
CA ALA A 85 8.24 5.46 -5.92
C ALA A 85 8.48 4.02 -6.31
N VAL A 86 7.40 3.25 -6.53
CA VAL A 86 7.53 1.87 -6.96
C VAL A 86 7.29 1.74 -8.46
N TYR A 87 8.11 0.92 -9.11
CA TYR A 87 8.02 0.72 -10.56
C TYR A 87 7.75 -0.74 -10.88
N TYR A 88 6.75 -0.99 -11.71
CA TYR A 88 6.36 -2.33 -12.14
C TYR A 88 6.56 -2.47 -13.63
N CYS A 89 7.13 -3.60 -14.06
CA CYS A 89 7.05 -3.94 -15.47
C CYS A 89 5.89 -4.92 -15.67
N GLN A 90 5.40 -4.96 -16.91
CA GLN A 90 4.25 -5.79 -17.26
C GLN A 90 4.45 -6.28 -18.67
N GLN A 91 4.21 -7.56 -18.92
CA GLN A 91 4.23 -8.03 -20.30
C GLN A 91 2.81 -8.34 -20.74
N TYR A 92 2.50 -8.04 -21.99
CA TYR A 92 1.19 -8.32 -22.55
C TYR A 92 1.38 -8.90 -23.94
N GLY A 93 2.43 -9.71 -24.07
CA GLY A 93 2.73 -10.42 -25.31
C GLY A 93 2.05 -11.77 -25.43
N GLN A 94 1.39 -12.18 -24.35
CA GLN A 94 0.57 -13.39 -24.34
C GLN A 94 -0.79 -13.01 -23.76
N SER A 95 -1.83 -13.79 -24.06
CA SER A 95 -3.15 -13.50 -23.51
C SER A 95 -3.11 -13.45 -21.97
N LEU A 96 -2.25 -14.26 -21.36
CA LEU A 96 -2.02 -14.16 -19.92
C LEU A 96 -0.99 -13.07 -19.68
N SER A 97 -1.47 -11.90 -19.26
CA SER A 97 -0.58 -10.80 -18.92
C SER A 97 -0.08 -10.95 -17.48
N THR A 98 1.19 -10.60 -17.26
CA THR A 98 1.78 -10.69 -15.93
C THR A 98 2.59 -9.45 -15.60
N PHE A 99 2.71 -9.17 -14.29
CA PHE A 99 3.54 -8.08 -13.76
C PHE A 99 4.78 -8.62 -13.06
N GLY A 100 5.85 -7.85 -13.09
CA GLY A 100 6.96 -8.06 -12.18
C GLY A 100 6.52 -7.73 -10.75
N GLN A 101 7.34 -8.07 -9.76
CA GLN A 101 6.91 -7.86 -8.39
CA GLN A 101 7.00 -7.87 -8.36
C GLN A 101 7.24 -6.44 -7.91
N GLY A 102 7.83 -5.64 -8.80
CA GLY A 102 8.08 -4.23 -8.52
C GLY A 102 9.42 -3.91 -7.89
N THR A 103 9.92 -2.71 -8.19
CA THR A 103 11.13 -2.21 -7.55
C THR A 103 10.82 -0.88 -6.91
N LYS A 104 11.09 -0.80 -5.61
CA LYS A 104 10.94 0.47 -4.89
C LYS A 104 12.23 1.26 -5.00
N VAL A 105 12.14 2.45 -5.58
CA VAL A 105 13.27 3.35 -5.61
C VAL A 105 13.13 4.30 -4.43
N GLU A 106 14.04 4.21 -3.47
CA GLU A 106 13.94 5.04 -2.27
C GLU A 106 15.19 5.89 -2.08
N VAL A 107 15.08 6.89 -1.21
CA VAL A 107 16.14 7.89 -1.09
C VAL A 107 17.26 7.40 -0.19
N LYS A 108 18.46 7.36 -0.73
CA LYS A 108 19.62 7.08 0.11
C LYS A 108 20.03 8.33 0.89
N ARG A 109 20.24 8.15 2.19
CA ARG A 109 20.70 9.22 3.04
C ARG A 109 21.68 8.64 4.04
N THR A 110 22.22 9.47 4.92
CA THR A 110 23.17 8.99 5.91
C THR A 110 22.47 8.07 6.89
N VAL A 111 23.25 7.17 7.48
CA VAL A 111 22.71 6.27 8.49
C VAL A 111 22.19 7.09 9.67
N ALA A 112 21.01 6.71 10.17
CA ALA A 112 20.47 7.29 11.38
C ALA A 112 19.97 6.17 12.28
N ALA A 113 20.53 6.09 13.49
CA ALA A 113 20.07 5.11 14.45
C ALA A 113 18.66 5.49 14.91
N PRO A 114 17.83 4.49 15.21
CA PRO A 114 16.51 4.81 15.77
C PRO A 114 16.62 5.46 17.14
N SER A 115 15.73 6.40 17.40
CA SER A 115 15.52 6.91 18.74
C SER A 115 14.36 6.10 19.30
N VAL A 116 14.60 5.42 20.42
CA VAL A 116 13.62 4.45 20.91
C VAL A 116 12.85 4.98 22.12
N PHE A 117 11.54 4.75 22.13
CA PHE A 117 10.67 5.18 23.20
C PHE A 117 9.75 4.03 23.57
N ILE A 118 9.50 3.84 24.86
CA ILE A 118 8.53 2.83 25.29
C ILE A 118 7.40 3.49 26.08
N PHE A 119 6.18 3.02 25.85
CA PHE A 119 4.98 3.58 26.49
C PHE A 119 4.20 2.50 27.23
N PRO A 120 4.06 2.63 28.55
CA PRO A 120 3.18 1.73 29.29
C PRO A 120 1.72 1.91 28.86
N PRO A 121 0.87 0.93 29.16
CA PRO A 121 -0.56 1.11 28.87
C PRO A 121 -1.10 2.26 29.67
N SER A 122 -2.11 2.93 29.12
CA SER A 122 -2.78 4.04 29.79
C SER A 122 -3.65 3.50 30.92
N ASP A 123 -3.90 4.34 31.93
CA ASP A 123 -4.85 3.99 32.97
C ASP A 123 -6.23 3.71 32.37
N GLU A 124 -6.60 4.51 31.38
CA GLU A 124 -7.90 4.35 30.72
CA GLU A 124 -7.89 4.37 30.71
C GLU A 124 -8.06 2.95 30.15
N GLN A 125 -7.06 2.49 29.42
CA GLN A 125 -7.11 1.16 28.83
C GLN A 125 -7.14 0.07 29.88
N LEU A 126 -6.32 0.21 30.92
CA LEU A 126 -6.27 -0.81 31.96
C LEU A 126 -7.65 -1.01 32.59
N LYS A 127 -8.41 0.07 32.74
CA LYS A 127 -9.77 -0.03 33.28
C LYS A 127 -10.66 -0.95 32.44
N SER A 128 -10.34 -1.10 31.16
CA SER A 128 -11.14 -1.89 30.25
C SER A 128 -10.71 -3.36 30.20
N GLY A 129 -9.62 -3.68 30.88
CA GLY A 129 -9.21 -5.07 31.01
C GLY A 129 -8.13 -5.54 30.05
N THR A 130 -7.58 -4.63 29.26
CA THR A 130 -6.52 -4.99 28.32
CA THR A 130 -6.53 -5.00 28.33
C THR A 130 -5.32 -4.08 28.52
N ALA A 131 -4.14 -4.59 28.18
CA ALA A 131 -2.93 -3.79 28.27
C ALA A 131 -2.18 -3.79 26.94
N SER A 132 -2.01 -2.60 26.37
CA SER A 132 -1.19 -2.45 25.18
C SER A 132 0.06 -1.70 25.54
N VAL A 133 1.21 -2.30 25.25
CA VAL A 133 2.49 -1.67 25.50
C VAL A 133 3.09 -1.27 24.14
N VAL A 134 3.49 -0.01 23.99
CA VAL A 134 3.94 0.44 22.67
C VAL A 134 5.41 0.83 22.68
N CYS A 135 6.14 0.38 21.65
CA CYS A 135 7.53 0.76 21.45
CA CYS A 135 7.51 0.79 21.45
C CYS A 135 7.64 1.55 20.14
N LEU A 136 8.32 2.68 20.19
CA LEU A 136 8.50 3.51 19.00
C LEU A 136 9.97 3.54 18.63
N LEU A 137 10.26 3.24 17.37
CA LEU A 137 11.59 3.40 16.82
C LEU A 137 11.50 4.55 15.87
N ASN A 138 12.06 5.70 16.23
CA ASN A 138 11.81 6.90 15.45
C ASN A 138 12.98 7.36 14.58
N ASN A 139 12.64 7.71 13.33
CA ASN A 139 13.52 8.44 12.42
C ASN A 139 14.86 7.75 12.17
N PHE A 140 14.80 6.53 11.64
CA PHE A 140 16.02 5.78 11.39
C PHE A 140 16.21 5.54 9.90
N TYR A 141 17.45 5.24 9.52
CA TYR A 141 17.79 4.89 8.14
C TYR A 141 19.06 4.04 8.19
N PRO A 142 19.12 2.93 7.43
CA PRO A 142 18.15 2.39 6.46
C PRO A 142 16.94 1.71 7.11
N ARG A 143 16.06 1.17 6.29
N ARG A 143 16.05 1.19 6.28
CA ARG A 143 14.76 0.68 6.75
CA ARG A 143 14.77 0.67 6.75
C ARG A 143 14.85 -0.57 7.62
C ARG A 143 14.91 -0.52 7.69
N GLU A 144 15.86 -1.39 7.41
CA GLU A 144 15.96 -2.65 8.17
C GLU A 144 16.17 -2.39 9.67
N ALA A 145 15.27 -2.92 10.49
CA ALA A 145 15.33 -2.75 11.93
C ALA A 145 14.59 -3.89 12.58
N LYS A 146 14.96 -4.23 13.80
CA LYS A 146 14.27 -5.32 14.49
C LYS A 146 13.95 -4.93 15.91
N VAL A 147 12.76 -5.29 16.36
CA VAL A 147 12.36 -5.10 17.75
CA VAL A 147 12.36 -5.11 17.75
C VAL A 147 11.99 -6.44 18.38
N GLN A 148 12.46 -6.65 19.61
CA GLN A 148 12.10 -7.82 20.39
C GLN A 148 11.56 -7.37 21.72
N TRP A 149 10.47 -7.99 22.15
CA TRP A 149 9.87 -7.70 23.45
C TRP A 149 10.38 -8.68 24.47
N LYS A 150 10.74 -8.18 25.64
CA LYS A 150 11.11 -9.05 26.75
C LYS A 150 10.33 -8.64 27.97
N VAL A 151 9.71 -9.63 28.61
CA VAL A 151 8.91 -9.39 29.79
C VAL A 151 9.50 -10.20 30.94
N ASP A 152 10.01 -9.51 31.96
CA ASP A 152 10.82 -10.16 33.00
C ASP A 152 11.87 -11.06 32.35
N ASN A 153 12.52 -10.48 31.35
CA ASN A 153 13.62 -11.12 30.62
CA ASN A 153 13.60 -11.08 30.57
C ASN A 153 13.18 -12.31 29.76
N ALA A 154 11.89 -12.52 29.64
CA ALA A 154 11.38 -13.62 28.83
C ALA A 154 11.06 -13.10 27.43
N LEU A 155 11.72 -13.67 26.42
CA LEU A 155 11.46 -13.27 25.04
C LEU A 155 10.03 -13.62 24.63
N GLN A 156 9.31 -12.60 24.18
CA GLN A 156 7.92 -12.76 23.77
C GLN A 156 7.84 -13.19 22.31
N SER A 157 6.80 -13.95 21.99
CA SER A 157 6.52 -14.33 20.63
C SER A 157 5.02 -14.40 20.41
N GLY A 158 4.55 -13.82 19.31
CA GLY A 158 3.17 -14.01 18.89
C GLY A 158 2.15 -13.04 19.44
N ASN A 159 2.57 -12.16 20.35
CA ASN A 159 1.66 -11.22 20.98
C ASN A 159 2.01 -9.77 20.67
N SER A 160 2.72 -9.56 19.56
CA SER A 160 3.00 -8.19 19.11
C SER A 160 2.72 -7.99 17.63
N GLN A 161 2.44 -6.75 17.26
CA GLN A 161 2.31 -6.40 15.85
C GLN A 161 3.03 -5.12 15.60
N GLU A 162 3.57 -4.97 14.40
CA GLU A 162 4.27 -3.73 14.09
C GLU A 162 3.89 -3.20 12.73
N SER A 163 4.15 -1.92 12.53
CA SER A 163 4.06 -1.37 11.19
C SER A 163 5.04 -0.22 11.05
N VAL A 164 5.27 0.15 9.80
CA VAL A 164 6.36 1.05 9.45
C VAL A 164 5.81 2.17 8.56
N THR A 165 6.23 3.41 8.80
CA THR A 165 5.80 4.50 7.93
C THR A 165 6.47 4.43 6.55
N GLU A 166 5.88 5.11 5.59
CA GLU A 166 6.57 5.40 4.33
C GLU A 166 7.77 6.29 4.62
N GLN A 167 8.76 6.27 3.74
CA GLN A 167 9.94 7.12 3.92
C GLN A 167 9.51 8.57 4.03
N ASP A 168 10.00 9.27 5.05
CA ASP A 168 9.63 10.65 5.28
C ASP A 168 10.04 11.55 4.12
N SER A 169 9.11 12.36 3.65
CA SER A 169 9.36 13.16 2.45
C SER A 169 10.42 14.23 2.71
N LYS A 170 10.57 14.63 3.96
CA LYS A 170 11.49 15.70 4.32
C LYS A 170 12.88 15.21 4.73
N ASP A 171 12.96 14.25 5.66
CA ASP A 171 14.28 13.82 6.11
C ASP A 171 14.67 12.40 5.68
N SER A 172 13.81 11.76 4.90
CA SER A 172 14.08 10.45 4.30
C SER A 172 14.33 9.34 5.32
N THR A 173 13.79 9.50 6.52
CA THR A 173 13.89 8.43 7.51
C THR A 173 12.62 7.59 7.55
N TYR A 174 12.70 6.49 8.27
CA TYR A 174 11.57 5.62 8.57
C TYR A 174 11.27 5.63 10.06
N SER A 175 10.04 5.32 10.43
CA SER A 175 9.74 5.04 11.83
C SER A 175 8.94 3.76 11.91
N LEU A 176 9.04 3.10 13.07
CA LEU A 176 8.38 1.82 13.27
C LEU A 176 7.73 1.82 14.64
N SER A 177 6.52 1.29 14.73
CA SER A 177 5.88 1.15 16.03
CA SER A 177 5.88 1.14 16.04
C SER A 177 5.51 -0.31 16.23
N SER A 178 5.74 -0.82 17.44
CA SER A 178 5.36 -2.18 17.78
C SER A 178 4.48 -2.15 19.03
N THR A 179 3.43 -2.94 19.03
CA THR A 179 2.50 -2.98 20.14
C THR A 179 2.45 -4.39 20.70
N LEU A 180 2.74 -4.51 21.99
CA LEU A 180 2.59 -5.76 22.72
C LEU A 180 1.25 -5.75 23.43
N THR A 181 0.44 -6.79 23.25
CA THR A 181 -0.88 -6.82 23.87
C THR A 181 -1.04 -8.00 24.82
N LEU A 182 -1.49 -7.71 26.03
CA LEU A 182 -1.80 -8.74 27.04
C LEU A 182 -3.13 -8.41 27.69
N SER A 183 -3.76 -9.41 28.29
CA SER A 183 -4.86 -9.09 29.18
C SER A 183 -4.33 -8.31 30.37
N LYS A 184 -5.20 -7.56 31.04
CA LYS A 184 -4.81 -6.85 32.25
C LYS A 184 -4.25 -7.82 33.28
N ALA A 185 -4.93 -8.94 33.43
CA ALA A 185 -4.52 -9.93 34.42
C ALA A 185 -3.13 -10.45 34.13
N ASP A 186 -2.83 -10.72 32.86
CA ASP A 186 -1.50 -11.24 32.53
C ASP A 186 -0.46 -10.14 32.63
N TYR A 187 -0.86 -8.93 32.27
CA TYR A 187 0.03 -7.79 32.38
C TYR A 187 0.49 -7.61 33.82
N GLU A 188 -0.43 -7.85 34.75
CA GLU A 188 -0.15 -7.62 36.16
C GLU A 188 0.66 -8.74 36.80
N LYS A 189 0.96 -9.79 36.04
CA LYS A 189 1.78 -10.89 36.55
C LYS A 189 3.27 -10.61 36.49
N HIS A 190 3.64 -9.55 35.77
CA HIS A 190 5.03 -9.29 35.43
C HIS A 190 5.46 -7.88 35.81
N LYS A 191 6.76 -7.68 36.00
CA LYS A 191 7.26 -6.38 36.44
CA LYS A 191 7.27 -6.39 36.45
C LYS A 191 7.94 -5.60 35.32
N VAL A 192 8.97 -6.19 34.71
CA VAL A 192 9.75 -5.47 33.73
C VAL A 192 9.29 -5.69 32.30
N TYR A 193 8.98 -4.60 31.62
CA TYR A 193 8.58 -4.61 30.22
C TYR A 193 9.63 -3.90 29.39
N ALA A 194 10.18 -4.59 28.40
CA ALA A 194 11.32 -4.06 27.70
C ALA A 194 11.21 -4.30 26.21
N CYS A 195 11.65 -3.33 25.43
CA CYS A 195 11.79 -3.58 24.01
CA CYS A 195 11.76 -3.45 23.99
C CYS A 195 13.24 -3.36 23.63
N GLU A 196 13.75 -4.32 22.86
CA GLU A 196 15.16 -4.36 22.49
C GLU A 196 15.27 -4.18 20.99
N VAL A 197 16.12 -3.23 20.58
CA VAL A 197 16.13 -2.77 19.20
C VAL A 197 17.50 -2.94 18.55
N THR A 198 17.49 -3.48 17.33
CA THR A 198 18.74 -3.60 16.58
CA THR A 198 18.73 -3.63 16.58
C THR A 198 18.62 -2.86 15.26
N HIS A 199 19.74 -2.32 14.80
CA HIS A 199 19.77 -1.48 13.60
C HIS A 199 21.23 -1.28 13.19
N GLN A 200 21.46 -1.07 11.89
CA GLN A 200 22.82 -0.85 11.39
C GLN A 200 23.53 0.32 12.08
N GLY A 201 22.77 1.34 12.45
CA GLY A 201 23.32 2.50 13.12
C GLY A 201 23.66 2.31 14.58
N LEU A 202 23.31 1.15 15.13
CA LEU A 202 23.61 0.81 16.52
C LEU A 202 24.72 -0.23 16.57
N SER A 203 25.76 0.02 17.36
CA SER A 203 26.86 -0.93 17.52
C SER A 203 26.44 -2.09 18.42
N SER A 204 25.48 -1.83 19.29
CA SER A 204 24.92 -2.86 20.17
CA SER A 204 24.91 -2.86 20.16
C SER A 204 23.44 -2.58 20.36
N PRO A 205 22.64 -3.61 20.71
CA PRO A 205 21.20 -3.35 20.83
C PRO A 205 20.84 -2.31 21.89
N VAL A 206 19.78 -1.55 21.61
CA VAL A 206 19.24 -0.57 22.54
C VAL A 206 18.02 -1.16 23.23
N THR A 207 17.99 -1.09 24.55
CA THR A 207 16.83 -1.54 25.30
C THR A 207 16.19 -0.38 26.03
N LYS A 208 14.88 -0.21 25.85
CA LYS A 208 14.11 0.71 26.68
C LYS A 208 13.14 -0.11 27.48
N SER A 209 12.99 0.22 28.76
CA SER A 209 12.12 -0.56 29.62
C SER A 209 11.46 0.27 30.69
N PHE A 210 10.40 -0.29 31.29
CA PHE A 210 9.82 0.27 32.49
C PHE A 210 9.44 -0.85 33.45
N ASN A 211 9.28 -0.50 34.71
CA ASN A 211 8.75 -1.42 35.71
C ASN A 211 7.29 -1.10 35.93
N ARG A 212 6.41 -2.07 35.73
CA ARG A 212 4.98 -1.86 35.87
C ARG A 212 4.64 -1.22 37.19
N GLY A 213 3.86 -0.14 37.14
CA GLY A 213 3.36 0.49 38.35
C GLY A 213 4.22 1.63 38.87
N GLU A 214 5.50 1.62 38.51
CA GLU A 214 6.42 2.66 38.99
C GLU A 214 6.40 3.88 38.08
N GLN B 1 -11.20 13.42 -22.70
CA GLN B 1 -10.36 12.63 -21.81
C GLN B 1 -11.13 11.44 -21.22
N VAL B 2 -10.49 10.28 -21.16
CA VAL B 2 -11.12 9.09 -20.58
C VAL B 2 -11.10 9.15 -19.07
N GLN B 3 -12.25 8.87 -18.45
CA GLN B 3 -12.36 8.81 -17.00
C GLN B 3 -13.01 7.50 -16.61
N LEU B 4 -12.40 6.82 -15.64
CA LEU B 4 -12.98 5.60 -15.09
C LEU B 4 -13.34 5.80 -13.62
N VAL B 5 -14.62 5.64 -13.30
CA VAL B 5 -15.07 5.83 -11.93
C VAL B 5 -15.66 4.55 -11.37
N GLN B 6 -15.05 4.06 -10.30
CA GLN B 6 -15.44 2.80 -9.70
C GLN B 6 -16.41 2.97 -8.54
N SER B 7 -17.12 1.88 -8.21
CA SER B 7 -18.00 1.85 -7.06
C SER B 7 -17.19 1.90 -5.79
N GLY B 8 -17.84 2.19 -4.67
CA GLY B 8 -17.16 2.47 -3.42
C GLY B 8 -16.69 1.23 -2.70
N ALA B 9 -15.87 1.43 -1.67
CA ALA B 9 -15.35 0.31 -0.87
C ALA B 9 -16.48 -0.57 -0.33
N GLU B 10 -16.22 -1.87 -0.19
CA GLU B 10 -17.22 -2.77 0.36
CA GLU B 10 -17.22 -2.75 0.38
C GLU B 10 -16.60 -3.86 1.23
N VAL B 11 -17.23 -4.10 2.37
CA VAL B 11 -16.89 -5.22 3.23
C VAL B 11 -17.74 -6.41 2.80
N LYS B 12 -17.11 -7.57 2.63
CA LYS B 12 -17.78 -8.78 2.17
C LYS B 12 -17.48 -9.93 3.12
N ARG B 13 -18.50 -10.76 3.41
CA ARG B 13 -18.29 -11.93 4.26
C ARG B 13 -17.54 -13.02 3.52
N PRO B 14 -16.71 -13.80 4.24
CA PRO B 14 -16.05 -14.95 3.63
C PRO B 14 -17.06 -15.86 2.93
N GLY B 15 -16.73 -16.29 1.72
CA GLY B 15 -17.58 -17.18 0.95
C GLY B 15 -18.57 -16.47 0.05
N SER B 16 -18.72 -15.15 0.23
CA SER B 16 -19.66 -14.38 -0.56
C SER B 16 -19.07 -14.02 -1.92
N SER B 17 -19.89 -13.34 -2.74
CA SER B 17 -19.44 -12.84 -4.03
CA SER B 17 -19.47 -12.84 -4.05
C SER B 17 -19.51 -11.33 -4.05
N VAL B 18 -18.52 -10.69 -4.67
CA VAL B 18 -18.49 -9.23 -4.76
C VAL B 18 -18.63 -8.82 -6.22
N THR B 19 -19.38 -7.75 -6.45
CA THR B 19 -19.43 -7.13 -7.77
C THR B 19 -18.86 -5.73 -7.66
N VAL B 20 -17.87 -5.44 -8.47
CA VAL B 20 -17.28 -4.10 -8.54
C VAL B 20 -17.62 -3.50 -9.90
N SER B 21 -18.00 -2.24 -9.90
CA SER B 21 -18.37 -1.60 -11.16
C SER B 21 -17.37 -0.52 -11.55
N CYS B 22 -17.30 -0.25 -12.86
CA CYS B 22 -16.38 0.71 -13.42
C CYS B 22 -17.08 1.45 -14.55
N LYS B 23 -17.48 2.69 -14.31
CA LYS B 23 -18.20 3.50 -15.29
C LYS B 23 -17.24 4.41 -16.05
N ALA B 24 -17.26 4.28 -17.38
CA ALA B 24 -16.35 5.02 -18.22
C ALA B 24 -17.04 6.20 -18.88
N SER B 25 -16.29 7.27 -19.09
CA SER B 25 -16.74 8.37 -19.94
C SER B 25 -15.57 8.86 -20.79
N GLY B 26 -15.89 9.43 -21.94
CA GLY B 26 -14.86 9.88 -22.86
C GLY B 26 -14.31 8.71 -23.67
N GLY B 27 -13.87 9.00 -24.89
CA GLY B 27 -13.37 7.95 -25.76
C GLY B 27 -14.42 6.92 -26.10
N SER B 28 -13.97 5.79 -26.66
CA SER B 28 -14.88 4.72 -27.05
C SER B 28 -14.89 3.60 -26.02
N PHE B 29 -16.08 3.21 -25.60
CA PHE B 29 -16.22 2.15 -24.61
C PHE B 29 -16.15 0.76 -25.24
N SER B 30 -16.82 0.60 -26.38
CA SER B 30 -17.02 -0.73 -26.95
CA SER B 30 -17.03 -0.72 -26.96
C SER B 30 -15.80 -1.32 -27.62
N THR B 31 -14.93 -0.49 -28.19
CA THR B 31 -13.83 -1.02 -28.99
C THR B 31 -12.45 -0.99 -28.33
N TYR B 32 -12.39 -0.73 -27.02
CA TYR B 32 -11.12 -0.79 -26.32
C TYR B 32 -11.15 -1.76 -25.14
N ALA B 33 -10.02 -2.41 -24.91
CA ALA B 33 -9.94 -3.48 -23.91
C ALA B 33 -9.91 -2.92 -22.49
N LEU B 34 -10.80 -3.44 -21.65
CA LEU B 34 -10.92 -3.06 -20.25
C LEU B 34 -10.47 -4.23 -19.38
N SER B 35 -9.50 -3.98 -18.50
CA SER B 35 -8.98 -5.05 -17.64
C SER B 35 -9.24 -4.76 -16.17
N TRP B 36 -9.11 -5.79 -15.34
CA TRP B 36 -9.16 -5.63 -13.91
C TRP B 36 -7.83 -6.07 -13.32
N VAL B 37 -7.30 -5.26 -12.41
CA VAL B 37 -6.01 -5.50 -11.78
C VAL B 37 -6.18 -5.31 -10.29
N ARG B 38 -5.69 -6.23 -9.48
CA ARG B 38 -5.83 -6.03 -8.04
C ARG B 38 -4.49 -5.92 -7.35
N GLN B 39 -4.54 -5.36 -6.16
CA GLN B 39 -3.36 -5.15 -5.35
C GLN B 39 -3.68 -5.44 -3.89
N ALA B 40 -3.20 -6.58 -3.39
CA ALA B 40 -3.42 -6.92 -1.99
C ALA B 40 -2.58 -5.98 -1.12
N PRO B 41 -3.00 -5.76 0.14
CA PRO B 41 -2.32 -4.77 0.97
C PRO B 41 -0.82 -5.00 1.09
N GLY B 42 -0.04 -3.99 0.68
CA GLY B 42 1.41 -4.06 0.75
C GLY B 42 2.04 -4.99 -0.27
N ARG B 43 1.27 -5.40 -1.27
CA ARG B 43 1.75 -6.34 -2.28
CA ARG B 43 1.76 -6.34 -2.28
C ARG B 43 1.73 -5.72 -3.67
N GLY B 44 2.12 -6.52 -4.68
CA GLY B 44 2.24 -6.02 -6.04
C GLY B 44 0.96 -6.03 -6.83
N LEU B 45 1.04 -5.68 -8.10
CA LEU B 45 -0.10 -5.67 -9.00
C LEU B 45 -0.34 -7.05 -9.59
N GLU B 46 -1.60 -7.47 -9.69
CA GLU B 46 -1.90 -8.72 -10.35
C GLU B 46 -3.00 -8.54 -11.38
N TRP B 47 -2.70 -8.88 -12.63
CA TRP B 47 -3.71 -8.81 -13.70
C TRP B 47 -4.68 -9.97 -13.56
N MET B 48 -5.98 -9.65 -13.51
CA MET B 48 -6.99 -10.69 -13.30
C MET B 48 -7.67 -11.15 -14.59
N GLY B 49 -7.91 -10.20 -15.48
CA GLY B 49 -8.63 -10.51 -16.70
C GLY B 49 -9.16 -9.27 -17.36
N GLY B 50 -9.80 -9.44 -18.51
CA GLY B 50 -10.31 -8.30 -19.25
C GLY B 50 -11.47 -8.66 -20.15
N VAL B 51 -12.12 -7.63 -20.70
CA VAL B 51 -13.21 -7.80 -21.64
C VAL B 51 -13.08 -6.78 -22.79
N ILE B 52 -13.48 -7.21 -23.98
CA ILE B 52 -13.63 -6.31 -25.11
C ILE B 52 -15.12 -6.23 -25.37
N PRO B 53 -15.74 -5.10 -24.99
CA PRO B 53 -17.19 -5.07 -24.93
C PRO B 53 -17.89 -5.37 -26.25
N LEU B 54 -17.45 -4.77 -27.35
CA LEU B 54 -18.11 -4.95 -28.65
C LEU B 54 -18.28 -6.43 -29.03
N LEU B 55 -17.27 -7.23 -28.72
CA LEU B 55 -17.27 -8.62 -29.16
C LEU B 55 -17.69 -9.60 -28.06
N THR B 56 -17.95 -9.07 -26.87
CA THR B 56 -18.25 -9.88 -25.69
C THR B 56 -17.20 -11.00 -25.54
N ILE B 57 -15.93 -10.62 -25.67
CA ILE B 57 -14.86 -11.57 -25.53
C ILE B 57 -14.06 -11.30 -24.25
N THR B 58 -14.05 -12.28 -23.36
CA THR B 58 -13.33 -12.15 -22.11
C THR B 58 -12.02 -12.92 -22.17
N ASN B 59 -11.15 -12.62 -21.21
CA ASN B 59 -9.83 -13.21 -21.14
C ASN B 59 -9.46 -13.21 -19.68
N TYR B 60 -9.48 -14.38 -19.04
CA TYR B 60 -9.20 -14.47 -17.60
C TYR B 60 -7.83 -15.08 -17.34
N ALA B 61 -7.14 -14.59 -16.33
CA ALA B 61 -5.91 -15.23 -15.85
C ALA B 61 -6.29 -16.60 -15.36
N PRO B 62 -5.44 -17.61 -15.64
CA PRO B 62 -5.78 -18.96 -15.19
C PRO B 62 -6.08 -19.04 -13.68
N ARG B 63 -5.37 -18.27 -12.88
CA ARG B 63 -5.55 -18.25 -11.42
CA ARG B 63 -5.58 -18.34 -11.43
C ARG B 63 -6.99 -17.89 -11.00
N PHE B 64 -7.72 -17.23 -11.90
CA PHE B 64 -9.08 -16.80 -11.56
C PHE B 64 -10.15 -17.43 -12.42
N GLN B 65 -9.74 -18.27 -13.37
CA GLN B 65 -10.68 -18.93 -14.26
C GLN B 65 -11.56 -19.89 -13.47
N GLY B 66 -12.85 -19.57 -13.41
CA GLY B 66 -13.79 -20.37 -12.64
C GLY B 66 -14.26 -19.64 -11.40
N ARG B 67 -13.63 -18.51 -11.10
CA ARG B 67 -14.03 -17.76 -9.92
C ARG B 67 -14.41 -16.32 -10.26
N ILE B 68 -14.16 -15.89 -11.49
N ILE B 68 -14.24 -15.96 -11.53
CA ILE B 68 -14.51 -14.52 -11.86
CA ILE B 68 -14.37 -14.57 -11.99
C ILE B 68 -15.38 -14.46 -13.09
C ILE B 68 -15.33 -14.44 -13.18
N THR B 69 -16.12 -13.36 -13.20
CA THR B 69 -16.88 -13.04 -14.39
C THR B 69 -16.68 -11.56 -14.68
N ILE B 70 -16.30 -11.22 -15.90
CA ILE B 70 -16.23 -9.82 -16.29
C ILE B 70 -17.27 -9.57 -17.37
N THR B 71 -18.10 -8.55 -17.18
CA THR B 71 -19.12 -8.20 -18.16
C THR B 71 -19.09 -6.71 -18.46
N ALA B 72 -19.76 -6.32 -19.52
CA ALA B 72 -19.77 -4.92 -19.96
C ALA B 72 -21.17 -4.54 -20.41
N ASP B 73 -21.61 -3.37 -20.01
CA ASP B 73 -22.95 -2.88 -20.36
C ASP B 73 -22.76 -1.64 -21.21
N ARG B 74 -23.00 -1.77 -22.50
N ARG B 74 -22.99 -1.77 -22.51
CA ARG B 74 -22.75 -0.69 -23.44
CA ARG B 74 -22.76 -0.67 -23.44
C ARG B 74 -23.72 0.48 -23.26
C ARG B 74 -23.70 0.50 -23.19
N SER B 75 -24.92 0.20 -22.73
CA SER B 75 -25.92 1.24 -22.54
C SER B 75 -25.49 2.26 -21.48
N THR B 76 -24.66 1.82 -20.54
CA THR B 76 -24.19 2.67 -19.45
C THR B 76 -22.66 2.84 -19.45
N SER B 77 -21.99 2.28 -20.46
CA SER B 77 -20.53 2.30 -20.53
C SER B 77 -19.93 1.84 -19.22
N THR B 78 -20.50 0.79 -18.64
CA THR B 78 -20.03 0.28 -17.35
C THR B 78 -19.51 -1.14 -17.52
N ALA B 79 -18.35 -1.40 -16.94
CA ALA B 79 -17.81 -2.77 -16.87
C ALA B 79 -17.95 -3.29 -15.46
N TYR B 80 -18.11 -4.61 -15.32
CA TYR B 80 -18.30 -5.21 -14.01
C TYR B 80 -17.34 -6.35 -13.76
N LEU B 81 -16.84 -6.43 -12.53
CA LEU B 81 -16.06 -7.58 -12.07
C LEU B 81 -16.82 -8.31 -10.99
N GLU B 82 -17.07 -9.61 -11.22
CA GLU B 82 -17.59 -10.51 -10.19
CA GLU B 82 -17.57 -10.48 -10.17
C GLU B 82 -16.46 -11.39 -9.71
N LEU B 83 -16.28 -11.49 -8.39
CA LEU B 83 -15.29 -12.41 -7.82
C LEU B 83 -16.02 -13.22 -6.75
N ASN B 84 -15.99 -14.54 -6.88
CA ASN B 84 -16.80 -15.42 -6.05
C ASN B 84 -16.02 -16.17 -4.98
N SER B 85 -16.74 -16.77 -4.03
CA SER B 85 -16.12 -17.62 -3.00
CA SER B 85 -16.13 -17.61 -3.00
C SER B 85 -14.99 -16.89 -2.29
N LEU B 86 -15.28 -15.70 -1.80
CA LEU B 86 -14.23 -14.81 -1.26
C LEU B 86 -13.53 -15.36 -0.03
N ARG B 87 -12.23 -15.14 0.02
CA ARG B 87 -11.39 -15.55 1.15
CA ARG B 87 -11.40 -15.55 1.16
C ARG B 87 -10.59 -14.35 1.64
N PRO B 88 -10.02 -14.42 2.86
CA PRO B 88 -9.26 -13.26 3.36
C PRO B 88 -8.18 -12.76 2.39
N GLU B 89 -7.57 -13.68 1.65
CA GLU B 89 -6.53 -13.29 0.73
C GLU B 89 -7.05 -12.55 -0.50
N ASP B 90 -8.37 -12.42 -0.63
CA ASP B 90 -8.96 -11.61 -1.70
C ASP B 90 -9.14 -10.16 -1.29
N THR B 91 -8.84 -9.85 -0.03
CA THR B 91 -8.83 -8.47 0.42
C THR B 91 -7.78 -7.71 -0.37
N ALA B 92 -8.21 -6.66 -1.08
CA ALA B 92 -7.32 -5.94 -1.99
C ALA B 92 -8.00 -4.71 -2.51
N VAL B 93 -7.22 -3.85 -3.14
CA VAL B 93 -7.77 -2.76 -3.93
C VAL B 93 -7.90 -3.29 -5.35
N TYR B 94 -9.13 -3.22 -5.88
CA TYR B 94 -9.40 -3.68 -7.24
C TYR B 94 -9.48 -2.49 -8.17
N TYR B 95 -8.66 -2.50 -9.23
CA TYR B 95 -8.65 -1.42 -10.22
C TYR B 95 -9.21 -1.87 -11.55
N CYS B 96 -10.00 -1.00 -12.16
CA CYS B 96 -10.28 -1.21 -13.56
CA CYS B 96 -10.40 -1.05 -13.54
C CYS B 96 -9.30 -0.34 -14.35
N ALA B 97 -8.92 -0.85 -15.50
CA ALA B 97 -7.93 -0.15 -16.33
C ALA B 97 -8.26 -0.34 -17.79
N ARG B 98 -8.16 0.74 -18.56
CA ARG B 98 -8.41 0.66 -19.99
CA ARG B 98 -8.41 0.66 -19.99
C ARG B 98 -7.13 0.91 -20.75
N GLU B 99 -6.95 0.20 -21.86
CA GLU B 99 -5.76 0.41 -22.68
C GLU B 99 -5.75 1.83 -23.23
N GLY B 100 -4.54 2.34 -23.44
CA GLY B 100 -4.39 3.65 -24.04
C GLY B 100 -4.50 3.66 -25.55
N THR B 101 -4.37 4.84 -26.12
CA THR B 101 -4.41 5.02 -27.55
C THR B 101 -3.27 5.94 -27.95
N THR B 102 -2.81 5.82 -29.18
CA THR B 102 -1.82 6.74 -29.70
C THR B 102 -2.51 8.04 -30.09
N GLY B 103 -1.75 9.01 -30.57
CA GLY B 103 -2.32 10.31 -30.91
C GLY B 103 -2.41 11.19 -29.68
N TRP B 104 -3.15 12.29 -29.79
CA TRP B 104 -3.99 12.55 -30.95
C TRP B 104 -5.42 12.20 -30.60
N GLY B 105 -5.90 12.76 -29.48
CA GLY B 105 -7.23 12.48 -28.99
C GLY B 105 -7.31 11.20 -28.17
N TRP B 106 -8.49 10.60 -28.11
CA TRP B 106 -8.70 9.37 -27.35
C TRP B 106 -9.43 8.31 -28.17
N LEU B 107 -9.31 8.41 -29.50
CA LEU B 107 -9.98 7.47 -30.41
C LEU B 107 -8.99 6.85 -31.39
N GLY B 108 -7.71 6.92 -31.06
CA GLY B 108 -6.67 6.43 -31.95
C GLY B 108 -6.39 4.94 -31.81
N LYS B 109 -5.28 4.53 -32.40
CA LYS B 109 -4.83 3.14 -32.39
C LYS B 109 -4.57 2.67 -30.95
N PRO B 110 -5.12 1.52 -30.57
CA PRO B 110 -4.89 1.06 -29.20
C PRO B 110 -3.46 0.56 -28.98
N ILE B 111 -2.98 0.69 -27.74
CA ILE B 111 -1.61 0.34 -27.39
C ILE B 111 -1.50 -0.88 -26.48
N GLY B 112 -2.64 -1.43 -26.07
CA GLY B 112 -2.61 -2.60 -25.20
C GLY B 112 -2.31 -2.31 -23.73
N ALA B 113 -1.22 -1.60 -23.46
CA ALA B 113 -0.85 -1.21 -22.11
C ALA B 113 -1.92 -0.30 -21.48
N PHE B 114 -1.97 -0.29 -20.15
CA PHE B 114 -3.07 0.36 -19.43
C PHE B 114 -2.79 1.83 -19.14
N ALA B 115 -3.32 2.71 -19.97
CA ALA B 115 -3.09 4.15 -19.76
C ALA B 115 -4.08 4.76 -18.78
N HIS B 116 -5.27 4.18 -18.70
CA HIS B 116 -6.36 4.81 -17.97
C HIS B 116 -6.80 3.93 -16.81
N TRP B 117 -6.78 4.49 -15.60
CA TRP B 117 -7.06 3.73 -14.40
C TRP B 117 -8.21 4.33 -13.59
N GLY B 118 -9.08 3.46 -13.06
CA GLY B 118 -10.07 3.87 -12.08
C GLY B 118 -9.38 4.22 -10.77
N GLN B 119 -10.14 4.71 -9.79
CA GLN B 119 -9.54 5.17 -8.54
C GLN B 119 -9.31 4.00 -7.57
N GLY B 120 -9.78 2.82 -7.96
CA GLY B 120 -9.67 1.65 -7.12
C GLY B 120 -10.87 1.45 -6.19
N THR B 121 -11.14 0.19 -5.87
CA THR B 121 -12.21 -0.18 -4.95
C THR B 121 -11.64 -1.14 -3.92
N LEU B 122 -11.64 -0.73 -2.65
CA LEU B 122 -11.16 -1.61 -1.58
C LEU B 122 -12.24 -2.62 -1.22
N VAL B 123 -11.93 -3.90 -1.44
CA VAL B 123 -12.81 -4.97 -1.00
C VAL B 123 -12.16 -5.64 0.19
N THR B 124 -12.83 -5.59 1.32
CA THR B 124 -12.32 -6.18 2.56
C THR B 124 -13.13 -7.41 2.90
N VAL B 125 -12.49 -8.59 2.86
CA VAL B 125 -13.18 -9.83 3.18
C VAL B 125 -13.01 -10.10 4.67
N SER B 126 -14.12 -10.08 5.41
CA SER B 126 -14.05 -10.11 6.86
C SER B 126 -15.40 -10.47 7.46
N SER B 127 -15.37 -11.11 8.62
CA SER B 127 -16.56 -11.38 9.39
C SER B 127 -16.88 -10.30 10.42
N ALA B 128 -16.05 -9.26 10.49
CA ALA B 128 -16.17 -8.26 11.54
C ALA B 128 -17.35 -7.31 11.30
N SER B 129 -17.84 -6.70 12.38
CA SER B 129 -18.88 -5.71 12.28
C SER B 129 -18.30 -4.33 12.57
N THR B 130 -18.99 -3.31 12.10
CA THR B 130 -18.57 -1.94 12.34
C THR B 130 -18.41 -1.70 13.83
N LYS B 131 -17.27 -1.10 14.19
CA LYS B 131 -16.95 -0.81 15.58
C LYS B 131 -16.10 0.44 15.66
N GLY B 132 -16.44 1.36 16.57
CA GLY B 132 -15.63 2.55 16.77
C GLY B 132 -14.45 2.28 17.68
N PRO B 133 -13.34 2.99 17.46
CA PRO B 133 -12.15 2.75 18.27
C PRO B 133 -12.22 3.39 19.65
N SER B 134 -11.42 2.85 20.57
CA SER B 134 -11.06 3.60 21.76
C SER B 134 -9.78 4.37 21.45
N VAL B 135 -9.62 5.52 22.07
CA VAL B 135 -8.44 6.33 21.83
C VAL B 135 -7.70 6.49 23.13
N PHE B 136 -6.51 5.88 23.21
CA PHE B 136 -5.73 5.91 24.43
C PHE B 136 -4.48 6.77 24.27
N PRO B 137 -4.10 7.48 25.32
CA PRO B 137 -2.89 8.30 25.23
C PRO B 137 -1.62 7.47 25.26
N LEU B 138 -0.62 7.91 24.50
CA LEU B 138 0.76 7.48 24.69
C LEU B 138 1.49 8.64 25.34
N ALA B 139 1.54 8.63 26.67
CA ALA B 139 2.02 9.77 27.44
C ALA B 139 3.53 9.96 27.30
N PRO B 140 3.98 11.23 27.21
CA PRO B 140 5.41 11.50 27.06
C PRO B 140 6.22 11.06 28.29
N GLY B 148 15.98 18.01 25.70
CA GLY B 148 16.02 16.98 24.69
C GLY B 148 14.70 16.87 23.94
N THR B 149 14.41 15.66 23.45
CA THR B 149 13.20 15.40 22.67
C THR B 149 12.29 14.40 23.35
N ALA B 150 11.01 14.72 23.44
CA ALA B 150 10.03 13.80 23.99
C ALA B 150 9.12 13.28 22.88
N ALA B 151 8.67 12.04 23.04
CA ALA B 151 7.68 11.48 22.13
C ALA B 151 6.37 11.29 22.86
N LEU B 152 5.27 11.55 22.16
CA LEU B 152 3.95 11.29 22.69
C LEU B 152 3.08 10.85 21.53
N GLY B 153 1.88 10.38 21.82
CA GLY B 153 1.02 9.95 20.74
C GLY B 153 -0.33 9.46 21.20
N CYS B 154 -1.04 8.83 20.28
CA CYS B 154 -2.34 8.23 20.55
CA CYS B 154 -2.30 8.20 20.63
C CYS B 154 -2.43 6.85 19.95
N LEU B 155 -3.04 5.92 20.68
CA LEU B 155 -3.28 4.57 20.21
C LEU B 155 -4.76 4.47 19.89
N VAL B 156 -5.07 4.23 18.62
CA VAL B 156 -6.46 4.17 18.16
C VAL B 156 -6.80 2.70 18.00
N LYS B 157 -7.45 2.13 19.00
CA LYS B 157 -7.52 0.67 19.07
C LYS B 157 -8.91 0.09 18.85
N ASP B 158 -8.95 -1.00 18.09
CA ASP B 158 -10.15 -1.84 17.91
C ASP B 158 -11.26 -1.16 17.12
N TYR B 159 -11.00 -0.87 15.85
CA TYR B 159 -12.04 -0.31 14.99
C TYR B 159 -12.23 -1.15 13.73
N PHE B 160 -13.39 -0.98 13.10
CA PHE B 160 -13.67 -1.64 11.83
C PHE B 160 -14.82 -0.89 11.17
N PRO B 161 -14.80 -0.73 9.84
CA PRO B 161 -13.73 -1.04 8.90
C PRO B 161 -12.73 0.10 8.84
N GLU B 162 -11.76 0.00 7.95
N GLU B 162 -11.78 0.00 7.92
CA GLU B 162 -10.90 1.14 7.63
CA GLU B 162 -10.90 1.13 7.59
C GLU B 162 -11.74 2.20 6.93
C GLU B 162 -11.73 2.20 6.91
N PRO B 163 -11.28 3.47 6.94
CA PRO B 163 -10.06 3.96 7.59
C PRO B 163 -10.34 4.82 8.80
N VAL B 164 -9.29 5.12 9.55
N VAL B 164 -9.26 5.15 9.51
CA VAL B 164 -9.36 6.20 10.51
CA VAL B 164 -9.28 6.13 10.58
C VAL B 164 -8.41 7.27 10.02
C VAL B 164 -8.31 7.24 10.20
N THR B 165 -8.68 8.50 10.40
CA THR B 165 -7.77 9.60 10.16
C THR B 165 -7.39 10.20 11.49
N VAL B 166 -6.18 10.73 11.55
CA VAL B 166 -5.67 11.35 12.76
C VAL B 166 -4.99 12.64 12.40
N SER B 167 -5.31 13.71 13.12
CA SER B 167 -4.53 14.93 13.02
C SER B 167 -4.08 15.33 14.42
N TRP B 168 -3.22 16.34 14.51
CA TRP B 168 -2.76 16.84 15.80
C TRP B 168 -3.06 18.32 15.90
N ASN B 169 -3.60 18.74 17.04
CA ASN B 169 -3.94 20.14 17.27
C ASN B 169 -4.73 20.76 16.10
N SER B 170 -5.71 19.99 15.65
CA SER B 170 -6.63 20.38 14.57
C SER B 170 -5.91 20.69 13.27
N GLY B 171 -4.77 20.03 13.07
CA GLY B 171 -3.99 20.21 11.87
C GLY B 171 -2.89 21.25 12.00
N ALA B 172 -2.82 21.95 13.13
CA ALA B 172 -1.75 22.95 13.33
C ALA B 172 -0.38 22.31 13.53
N LEU B 173 -0.38 21.05 13.98
CA LEU B 173 0.86 20.33 14.24
C LEU B 173 1.04 19.20 13.23
N THR B 174 2.06 19.31 12.38
CA THR B 174 2.36 18.26 11.40
C THR B 174 3.83 17.89 11.41
N SER B 175 4.69 18.82 11.80
CA SER B 175 6.11 18.55 11.87
CA SER B 175 6.11 18.54 11.88
C SER B 175 6.42 17.48 12.91
N GLY B 176 7.10 16.42 12.49
CA GLY B 176 7.46 15.34 13.40
C GLY B 176 6.33 14.37 13.70
N VAL B 177 5.19 14.53 13.05
CA VAL B 177 4.09 13.59 13.22
C VAL B 177 4.30 12.35 12.36
N HIS B 178 4.14 11.17 12.96
CA HIS B 178 4.13 9.92 12.22
C HIS B 178 2.89 9.14 12.55
N THR B 179 2.04 8.92 11.55
CA THR B 179 0.83 8.13 11.73
C THR B 179 1.04 6.81 11.00
N PHE B 180 1.03 5.72 11.75
CA PHE B 180 1.43 4.43 11.21
C PHE B 180 0.31 3.75 10.45
N PRO B 181 0.68 2.86 9.51
CA PRO B 181 -0.34 2.03 8.86
C PRO B 181 -1.08 1.21 9.90
N ALA B 182 -2.38 1.02 9.70
CA ALA B 182 -3.17 0.18 10.60
C ALA B 182 -2.65 -1.25 10.58
N VAL B 183 -2.81 -1.92 11.72
CA VAL B 183 -2.52 -3.35 11.78
C VAL B 183 -3.84 -4.08 12.01
N LEU B 184 -3.96 -5.26 11.41
CA LEU B 184 -5.15 -6.09 11.58
C LEU B 184 -4.88 -7.10 12.68
N GLN B 185 -5.63 -7.00 13.77
CA GLN B 185 -5.45 -7.83 14.95
C GLN B 185 -6.12 -9.19 14.79
N SER B 186 -5.81 -10.11 15.68
CA SER B 186 -6.37 -11.46 15.61
C SER B 186 -7.89 -11.43 15.74
N SER B 187 -8.40 -10.37 16.38
CA SER B 187 -9.85 -10.20 16.53
C SER B 187 -10.54 -9.84 15.23
N GLY B 188 -9.78 -9.42 14.23
CA GLY B 188 -10.36 -8.94 12.99
C GLY B 188 -10.60 -7.44 13.02
N LEU B 189 -10.25 -6.80 14.15
CA LEU B 189 -10.36 -5.36 14.28
C LEU B 189 -9.01 -4.70 14.03
N TYR B 190 -9.04 -3.47 13.53
CA TYR B 190 -7.80 -2.73 13.25
C TYR B 190 -7.34 -1.93 14.44
N SER B 191 -6.06 -1.62 14.47
CA SER B 191 -5.51 -0.68 15.43
CA SER B 191 -5.48 -0.71 15.43
C SER B 191 -4.49 0.18 14.72
N LEU B 192 -4.41 1.44 15.12
CA LEU B 192 -3.53 2.41 14.48
C LEU B 192 -2.88 3.28 15.54
N SER B 193 -1.61 3.58 15.37
CA SER B 193 -0.92 4.47 16.29
CA SER B 193 -0.91 4.47 16.29
C SER B 193 -0.44 5.72 15.57
N SER B 194 -0.53 6.86 16.25
CA SER B 194 0.00 8.12 15.70
C SER B 194 0.88 8.75 16.77
N VAL B 195 2.08 9.19 16.39
CA VAL B 195 2.99 9.78 17.36
C VAL B 195 3.55 11.09 16.86
N VAL B 196 4.13 11.85 17.77
CA VAL B 196 4.80 13.09 17.40
C VAL B 196 5.90 13.33 18.40
N THR B 197 7.02 13.89 17.93
CA THR B 197 8.10 14.25 18.83
C THR B 197 8.12 15.76 18.96
N VAL B 198 8.39 16.22 20.17
CA VAL B 198 8.35 17.64 20.48
C VAL B 198 9.48 17.95 21.46
N PRO B 199 9.87 19.22 21.58
CA PRO B 199 10.85 19.51 22.62
C PRO B 199 10.34 19.19 24.03
N SER B 200 11.19 18.60 24.86
CA SER B 200 10.84 18.28 26.23
C SER B 200 10.34 19.50 26.99
N SER B 201 10.99 20.64 26.74
CA SER B 201 10.65 21.87 27.44
C SER B 201 9.22 22.32 27.15
N SER B 202 8.66 21.86 26.04
CA SER B 202 7.33 22.32 25.62
C SER B 202 6.20 21.61 26.37
N LEU B 203 6.53 20.54 27.09
CA LEU B 203 5.51 19.68 27.69
C LEU B 203 4.67 20.37 28.78
N GLY B 204 5.28 21.23 29.56
CA GLY B 204 4.54 21.91 30.61
C GLY B 204 3.63 23.01 30.07
N THR B 205 4.00 23.55 28.91
CA THR B 205 3.39 24.78 28.43
C THR B 205 2.47 24.61 27.22
N GLN B 206 2.80 23.66 26.34
CA GLN B 206 2.01 23.44 25.13
C GLN B 206 1.08 22.25 25.28
N THR B 207 -0.11 22.35 24.69
N THR B 207 -0.12 22.35 24.71
CA THR B 207 -1.11 21.28 24.74
CA THR B 207 -1.08 21.25 24.76
C THR B 207 -1.07 20.44 23.46
C THR B 207 -1.03 20.44 23.47
N TYR B 208 -1.11 19.13 23.61
CA TYR B 208 -1.12 18.24 22.46
C TYR B 208 -2.38 17.39 22.46
N ILE B 209 -3.14 17.53 21.38
CA ILE B 209 -4.44 16.88 21.23
C ILE B 209 -4.48 16.10 19.93
N CYS B 210 -4.78 14.81 20.02
CA CYS B 210 -4.92 14.04 18.79
CA CYS B 210 -4.94 13.95 18.86
C CYS B 210 -6.40 13.99 18.40
N ASN B 211 -6.65 14.37 17.15
CA ASN B 211 -8.02 14.42 16.62
C ASN B 211 -8.28 13.18 15.78
N VAL B 212 -9.14 12.29 16.27
CA VAL B 212 -9.36 11.01 15.64
C VAL B 212 -10.73 10.95 15.00
N ASN B 213 -10.79 10.53 13.75
CA ASN B 213 -12.07 10.44 13.05
C ASN B 213 -12.26 9.05 12.45
N HIS B 214 -13.32 8.36 12.88
CA HIS B 214 -13.69 7.11 12.25
C HIS B 214 -15.11 7.26 11.75
N LYS B 215 -15.25 7.61 10.48
CA LYS B 215 -16.57 7.97 9.95
C LYS B 215 -17.62 6.86 10.05
N PRO B 216 -17.25 5.58 9.76
CA PRO B 216 -18.31 4.56 9.77
C PRO B 216 -19.03 4.38 11.11
N SER B 217 -18.34 4.67 12.22
CA SER B 217 -18.93 4.56 13.54
C SER B 217 -19.32 5.92 14.12
N ASN B 218 -19.09 6.97 13.34
CA ASN B 218 -19.21 8.36 13.81
C ASN B 218 -18.44 8.58 15.10
N THR B 219 -17.26 8.00 15.19
CA THR B 219 -16.40 8.25 16.34
C THR B 219 -15.52 9.44 16.03
N LYS B 220 -15.72 10.52 16.77
CA LYS B 220 -14.92 11.71 16.58
C LYS B 220 -14.44 12.18 17.93
N VAL B 221 -13.18 11.88 18.20
CA VAL B 221 -12.61 12.08 19.51
C VAL B 221 -11.42 12.99 19.44
N ASP B 222 -11.37 13.97 20.34
CA ASP B 222 -10.18 14.81 20.48
C ASP B 222 -9.57 14.53 21.84
N LYS B 223 -8.47 13.79 21.83
CA LYS B 223 -7.85 13.32 23.07
C LYS B 223 -6.63 14.15 23.46
N LYS B 224 -6.71 14.81 24.61
CA LYS B 224 -5.57 15.55 25.13
C LYS B 224 -4.57 14.57 25.73
N VAL B 225 -3.32 14.63 25.27
CA VAL B 225 -2.27 13.74 25.75
C VAL B 225 -1.37 14.49 26.72
N GLU B 226 -1.33 14.04 27.97
CA GLU B 226 -0.49 14.74 28.96
C GLU B 226 0.39 13.78 29.77
N PRO B 227 1.48 14.33 30.36
CA PRO B 227 2.42 13.56 31.20
C PRO B 227 1.72 12.76 32.30
N ASN C 1 -3.32 -13.74 -29.47
N ASN C 1 -2.93 -12.95 -30.01
CA ASN C 1 -3.15 -12.81 -28.37
CA ASN C 1 -3.29 -12.79 -28.61
C ASN C 1 -4.36 -11.90 -28.27
C ASN C 1 -4.62 -12.07 -28.44
N TRP C 2 -5.18 -12.13 -27.25
CA TRP C 2 -6.33 -11.31 -26.91
C TRP C 2 -5.98 -9.82 -26.97
N 41H C 3 -4.76 -9.49 -26.56
C 41H C 3 -4.22 -7.44 -27.89
O 41H C 3 -4.27 -6.29 -27.97
CA 41H C 3 -4.27 -8.12 -26.50
CB 41H C 3 -2.88 -8.06 -25.84
CG 41H C 3 -3.14 -8.24 -24.29
CD1 41H C 3 -3.76 -7.20 -23.59
CD2 41H C 3 -2.78 -9.41 -23.65
CE1 41H C 3 -4.00 -7.34 -22.28
CE2 41H C 3 -3.04 -9.55 -22.30
CZ 41H C 3 -3.65 -8.50 -21.61
CW 41H C 3 -2.07 -6.88 -26.09
N ASP C 4 -4.17 -8.25 -28.95
CA ASP C 4 -4.08 -7.73 -30.30
C ASP C 4 -5.44 -7.45 -30.93
N ILE C 5 -6.51 -7.93 -30.30
CA ILE C 5 -7.82 -7.89 -30.94
C ILE C 5 -8.30 -6.47 -31.22
N THR C 6 -8.14 -5.56 -30.25
CA THR C 6 -8.69 -4.22 -30.47
C THR C 6 -7.93 -3.47 -31.56
N ASN C 7 -6.65 -3.80 -31.77
CA ASN C 7 -5.88 -3.19 -32.85
C ASN C 7 -6.45 -3.61 -34.20
N TRP C 8 -6.78 -4.89 -34.31
N TRP C 8 -6.79 -4.88 -34.30
CA TRP C 8 -7.41 -5.42 -35.50
CA TRP C 8 -7.41 -5.41 -35.51
C TRP C 8 -8.76 -4.74 -35.75
C TRP C 8 -8.78 -4.76 -35.75
N LEU C 9 -9.55 -4.57 -34.69
CA LEU C 9 -10.86 -3.91 -34.80
C LEU C 9 -10.70 -2.48 -35.30
N TRP C 10 -9.73 -1.78 -34.72
CA TRP C 10 -9.43 -0.40 -35.10
C TRP C 10 -9.08 -0.33 -36.58
N TYR C 11 -8.25 -1.27 -37.03
CA TYR C 11 -7.81 -1.31 -38.41
C TYR C 11 -8.98 -1.56 -39.38
N ILE C 12 -9.81 -2.55 -39.09
CA ILE C 12 -10.87 -2.92 -40.02
C ILE C 12 -12.03 -1.93 -39.99
N LYS C 13 -12.10 -1.13 -38.93
CA LYS C 13 -13.08 -0.04 -38.86
C LYS C 13 -12.60 1.16 -39.67
N LYS C 14 -11.28 1.32 -39.77
CA LYS C 14 -10.69 2.40 -40.55
C LYS C 14 -10.84 2.13 -42.05
C3 1GP D . 18.98 -4.44 11.64
O3 1GP D . 20.89 -5.49 12.61
C2 1GP D . 20.23 -5.24 11.39
O2 1GP D . 18.14 -5.19 12.50
C1 1GP D . 21.20 -4.53 10.47
O1P 1GP D . 22.33 -5.37 10.40
O2P 1GP D . 24.50 -4.08 10.37
O3P 1GP D . 23.16 -4.29 8.28
O4P 1GP D . 24.35 -6.23 9.20
P 1GP D . 23.60 -4.98 9.55
C1 1GP E . -18.70 5.71 -25.95
O1P 1GP E . -18.47 4.36 -26.27
O2P 1GP E . -18.99 2.30 -27.64
O3P 1GP E . -17.72 4.13 -28.69
O4P 1GP E . -20.11 4.43 -28.20
P 1GP E . -18.82 3.80 -27.71
OXT UNL F . -28.34 -4.90 -13.97
C1 UNL F . -27.38 -4.22 -14.76
C2 UNL F . -26.07 -4.13 -13.96
O1 UNL F . -26.09 -5.15 -12.98
C3 UNL F . -24.90 -5.25 -12.21
C4 UNL F . -23.91 -6.17 -12.95
O2 UNL F . -24.01 -7.46 -12.39
C5 UNL F . -23.21 -8.43 -13.07
C6 UNL F . -23.98 -9.75 -13.11
O3 UNL F . -24.15 -10.24 -11.78
C7 UNL F . -25.03 -11.35 -11.71
C8 UNL F . -24.73 -12.16 -10.44
O4 UNL F . -25.03 -11.37 -9.30
C9 UNL F . -25.15 -12.13 -8.11
#